data_2MFD
#
_entry.id   2MFD
#
_entity_poly.entity_id   1
_entity_poly.type   'polyribonucleotide'
_entity_poly.pdbx_seq_one_letter_code
;GGCGUUCGCUUAGAACGUC
;
_entity_poly.pdbx_strand_id   A
#
loop_
_chem_comp.id
_chem_comp.type
_chem_comp.name
_chem_comp.formula
A RNA linking ADENOSINE-5'-MONOPHOSPHATE 'C10 H14 N5 O7 P'
C RNA linking CYTIDINE-5'-MONOPHOSPHATE 'C9 H14 N3 O8 P'
G RNA linking GUANOSINE-5'-MONOPHOSPHATE 'C10 H14 N5 O8 P'
U RNA linking URIDINE-5'-MONOPHOSPHATE 'C9 H13 N2 O9 P'
#